data_7K9K
#
_entry.id   7K9K
#
_cell.length_a   1.00
_cell.length_b   1.00
_cell.length_c   1.00
_cell.angle_alpha   90.00
_cell.angle_beta   90.00
_cell.angle_gamma   90.00
#
_symmetry.space_group_name_H-M   'P 1'
#
loop_
_entity.id
_entity.type
_entity.pdbx_description
1 polymer 'Spike protein S1'
2 polymer '2H04 heavy chain'
3 polymer '2H04 light chain'
4 branched beta-D-mannopyranose-(1-4)-2-acetamido-2-deoxy-beta-D-glucopyranose-(1-4)-[alpha-L-fucopyranose-(1-6)]2-acetamido-2-deoxy-beta-D-glucopyranose
#
loop_
_entity_poly.entity_id
_entity_poly.type
_entity_poly.pdbx_seq_one_letter_code
_entity_poly.pdbx_strand_id
1 'polypeptide(L)'
;TNLCPFGEVFNATRFASVYAWNRKRISNCVADYSVLYNSASFSTFKCYGVSPTKLNDLCFTNVYADSFVIRGDEVRQIAP
GQTGKIADYNYKLPDDFTGCVIAWNSNNLDSKVGGNYNYLYRLFRKSNLKPFERDISTEIYQAGSTPCNGVEGFNCYFPL
QSYGFQPTNGVGYQPYRVVVLSFELLHAPATVCGP
;
A
2 'polypeptide(L)'
;EVQLQQSGAELVKPGASVKMSCKASGYTFTSYWITWVKQRPGQGLEWIGDIYPGSGSTKYNEKFRSEATLTVDTSSTTAY
MQLSSLTSEDSAVYYCARWDFYGSRTFDYWGQGTTLTVSSA
;
H
3 'polypeptide(L)'
;DIVLTQSPAILSVSPGERVSFSCRASQNIGTIIHWYQQRTNGSPRLLIKYASESVSGIPSRFSGSGSGTDFTLSINSVES
EDIADYYCQQSSSWPLTFGAGTKLEL
;
L
#
# COMPACT_ATOMS: atom_id res chain seq x y z
N THR A 1 -25.70 0.47 -1.92
CA THR A 1 -25.85 -0.65 -2.85
C THR A 1 -24.51 -1.04 -3.45
N ASN A 2 -23.58 -0.09 -3.53
CA ASN A 2 -22.23 -0.39 -3.99
C ASN A 2 -21.44 -1.11 -2.90
N LEU A 3 -20.41 -1.83 -3.31
CA LEU A 3 -19.64 -2.61 -2.36
C LEU A 3 -18.90 -1.70 -1.38
N CYS A 4 -18.40 -2.30 -0.32
CA CYS A 4 -17.96 -1.46 0.78
C CYS A 4 -16.45 -1.49 0.89
N PRO A 5 -15.78 -0.38 1.16
CA PRO A 5 -14.30 -0.37 1.16
C PRO A 5 -13.66 -1.04 2.36
N PHE A 6 -13.88 -2.35 2.52
CA PHE A 6 -13.20 -3.06 3.59
C PHE A 6 -11.74 -3.34 3.25
N GLY A 7 -11.46 -3.59 1.97
CA GLY A 7 -10.11 -3.95 1.58
C GLY A 7 -9.10 -2.88 1.93
N GLU A 8 -9.46 -1.62 1.73
CA GLU A 8 -8.51 -0.55 1.98
C GLU A 8 -8.13 -0.52 3.45
N VAL A 9 -9.10 -0.67 4.34
CA VAL A 9 -8.79 -0.67 5.76
C VAL A 9 -7.96 -1.87 6.13
N PHE A 10 -8.37 -3.07 5.70
CA PHE A 10 -7.65 -4.28 6.08
C PHE A 10 -6.30 -4.37 5.42
N ASN A 11 -6.22 -4.05 4.13
CA ASN A 11 -5.00 -4.24 3.34
C ASN A 11 -4.19 -2.95 3.24
N ALA A 12 -4.22 -2.10 4.25
CA ALA A 12 -3.43 -0.88 4.23
C ALA A 12 -1.96 -1.21 4.39
N THR A 13 -1.12 -0.54 3.59
CA THR A 13 0.30 -0.82 3.60
C THR A 13 0.90 -0.69 4.99
N ARG A 14 0.68 0.45 5.64
CA ARG A 14 1.17 0.66 7.00
C ARG A 14 0.02 1.11 7.89
N PHE A 15 -0.13 0.43 9.03
CA PHE A 15 -1.12 0.79 10.02
C PHE A 15 -0.63 1.96 10.86
N ALA A 16 -1.51 2.46 11.71
CA ALA A 16 -1.15 3.53 12.63
C ALA A 16 -0.54 2.98 13.91
N SER A 17 0.26 3.80 14.56
CA SER A 17 0.79 3.46 15.88
C SER A 17 -0.29 3.62 16.94
N VAL A 18 -0.40 2.64 17.84
CA VAL A 18 -1.49 2.57 18.81
C VAL A 18 -1.72 3.89 19.54
N TYR A 19 -0.65 4.54 20.01
CA TYR A 19 -0.80 5.74 20.81
C TYR A 19 -1.65 6.79 20.10
N ALA A 20 -1.70 6.74 18.76
CA ALA A 20 -2.50 7.63 17.93
C ALA A 20 -3.28 6.82 16.92
N TRP A 21 -3.96 5.79 17.41
CA TRP A 21 -4.70 4.86 16.56
C TRP A 21 -5.59 5.60 15.58
N ASN A 22 -5.71 5.04 14.38
CA ASN A 22 -6.51 5.62 13.32
C ASN A 22 -7.99 5.28 13.47
N ARG A 23 -8.86 6.06 12.82
CA ARG A 23 -10.31 5.74 12.83
C ARG A 23 -10.96 6.17 11.52
N LYS A 24 -11.51 5.25 10.76
CA LYS A 24 -12.17 5.48 9.49
C LYS A 24 -13.68 5.31 9.64
N ARG A 25 -14.42 6.17 8.96
CA ARG A 25 -15.88 6.18 9.03
C ARG A 25 -16.41 5.45 7.81
N ILE A 26 -17.15 4.37 8.06
CA ILE A 26 -17.66 3.50 7.01
C ILE A 26 -19.16 3.77 6.87
N SER A 27 -19.58 4.09 5.65
CA SER A 27 -20.96 4.50 5.43
C SER A 27 -21.30 4.32 3.96
N ASN A 28 -22.60 4.29 3.69
CA ASN A 28 -23.13 4.16 2.33
C ASN A 28 -22.48 3.00 1.59
N CYS A 29 -22.55 1.82 2.19
CA CYS A 29 -21.91 0.64 1.62
C CYS A 29 -22.66 -0.59 2.07
N VAL A 30 -22.73 -1.59 1.18
CA VAL A 30 -23.34 -2.88 1.51
C VAL A 30 -22.22 -3.81 1.97
N ALA A 31 -21.93 -3.78 3.26
CA ALA A 31 -20.82 -4.53 3.79
C ALA A 31 -21.07 -6.02 3.66
N ASP A 32 -20.09 -6.73 3.12
CA ASP A 32 -20.15 -8.18 3.01
C ASP A 32 -19.25 -8.77 4.10
N TYR A 33 -19.88 -9.20 5.19
CA TYR A 33 -19.11 -9.72 6.32
C TYR A 33 -18.62 -11.14 6.09
N SER A 34 -19.23 -11.88 5.16
CA SER A 34 -18.87 -13.29 4.99
C SER A 34 -17.41 -13.41 4.60
N VAL A 35 -16.95 -12.55 3.68
CA VAL A 35 -15.59 -12.65 3.18
C VAL A 35 -14.59 -12.43 4.32
N LEU A 36 -14.88 -11.49 5.21
CA LEU A 36 -13.98 -11.30 6.35
C LEU A 36 -14.02 -12.49 7.29
N TYR A 37 -15.21 -12.99 7.63
CA TYR A 37 -15.29 -14.05 8.62
C TYR A 37 -14.61 -15.32 8.13
N ASN A 38 -14.89 -15.71 6.88
CA ASN A 38 -14.37 -16.97 6.37
C ASN A 38 -12.86 -16.93 6.18
N SER A 39 -12.28 -15.74 6.04
CA SER A 39 -10.83 -15.65 5.89
C SER A 39 -10.16 -16.21 7.14
N ALA A 40 -9.18 -17.09 6.94
CA ALA A 40 -8.54 -17.77 8.06
C ALA A 40 -7.38 -17.00 8.66
N SER A 41 -6.94 -15.91 8.02
CA SER A 41 -5.76 -15.21 8.49
C SER A 41 -5.95 -14.66 9.90
N PHE A 42 -7.18 -14.25 10.23
CA PHE A 42 -7.44 -13.62 11.51
C PHE A 42 -7.39 -14.64 12.63
N SER A 43 -6.42 -14.48 13.54
CA SER A 43 -6.33 -15.40 14.67
C SER A 43 -7.55 -15.29 15.57
N THR A 44 -7.95 -14.05 15.90
CA THR A 44 -9.07 -13.84 16.86
C THR A 44 -10.13 -12.88 16.30
N PHE A 45 -11.34 -13.38 16.02
CA PHE A 45 -12.50 -12.56 15.59
C PHE A 45 -13.49 -12.66 16.76
N LYS A 46 -13.31 -11.85 17.81
CA LYS A 46 -14.18 -12.01 18.99
C LYS A 46 -15.25 -10.93 18.96
N CYS A 47 -16.52 -11.33 18.81
CA CYS A 47 -17.59 -10.33 18.71
C CYS A 47 -18.26 -10.18 20.07
N TYR A 48 -18.36 -8.95 20.55
CA TYR A 48 -19.04 -8.69 21.83
C TYR A 48 -20.46 -8.16 21.60
N GLY A 49 -21.49 -8.79 22.19
CA GLY A 49 -22.88 -8.36 22.10
C GLY A 49 -23.52 -8.60 20.76
N VAL A 50 -22.94 -9.44 19.92
CA VAL A 50 -23.52 -9.78 18.63
C VAL A 50 -22.95 -11.13 18.21
N SER A 51 -23.68 -11.83 17.35
CA SER A 51 -23.22 -13.14 16.93
C SER A 51 -22.50 -13.02 15.60
N PRO A 52 -21.28 -13.56 15.50
CA PRO A 52 -20.49 -13.34 14.28
C PRO A 52 -21.18 -13.78 13.00
N THR A 53 -21.91 -14.89 13.02
CA THR A 53 -22.64 -15.30 11.83
C THR A 53 -23.88 -14.44 11.62
N LYS A 54 -24.46 -13.92 12.70
CA LYS A 54 -25.64 -13.06 12.57
C LYS A 54 -25.30 -11.75 11.89
N LEU A 55 -24.03 -11.32 11.96
CA LEU A 55 -23.61 -10.01 11.47
C LEU A 55 -24.09 -9.74 10.05
N ASN A 56 -24.03 -10.74 9.18
CA ASN A 56 -24.33 -10.54 7.77
C ASN A 56 -25.79 -10.18 7.50
N ASP A 57 -26.68 -10.29 8.49
CA ASP A 57 -28.09 -9.99 8.29
C ASP A 57 -28.54 -8.65 8.86
N LEU A 58 -27.75 -8.02 9.72
CA LEU A 58 -28.18 -6.81 10.40
C LEU A 58 -27.98 -5.58 9.52
N CYS A 59 -28.38 -4.43 10.05
CA CYS A 59 -28.01 -3.13 9.49
C CYS A 59 -27.56 -2.21 10.61
N PHE A 60 -26.64 -1.30 10.28
CA PHE A 60 -26.00 -0.48 11.29
C PHE A 60 -26.06 0.98 10.87
N THR A 61 -26.07 1.87 11.87
CA THR A 61 -26.18 3.30 11.62
C THR A 61 -24.83 3.97 11.41
N ASN A 62 -23.85 3.72 12.29
CA ASN A 62 -22.48 4.16 12.08
C ASN A 62 -21.54 3.06 12.51
N VAL A 63 -20.52 2.80 11.70
CA VAL A 63 -19.54 1.76 11.98
C VAL A 63 -18.17 2.31 11.68
N TYR A 64 -17.22 2.08 12.59
CA TYR A 64 -15.88 2.65 12.50
C TYR A 64 -14.87 1.52 12.67
N ALA A 65 -13.85 1.52 11.82
CA ALA A 65 -12.70 0.66 11.99
C ALA A 65 -11.56 1.43 12.64
N ASP A 66 -11.07 0.92 13.76
CA ASP A 66 -9.88 1.43 14.44
C ASP A 66 -8.76 0.45 14.21
N SER A 67 -7.64 0.91 13.68
CA SER A 67 -6.59 0.02 13.24
C SER A 67 -5.24 0.48 13.79
N PHE A 68 -4.44 -0.47 14.28
CA PHE A 68 -3.17 -0.14 14.90
C PHE A 68 -2.40 -1.41 15.19
N VAL A 69 -1.08 -1.25 15.25
CA VAL A 69 -0.14 -2.35 15.51
C VAL A 69 0.26 -2.36 16.98
N ILE A 70 0.23 -3.54 17.60
CA ILE A 70 0.66 -3.74 18.97
C ILE A 70 1.42 -5.06 19.04
N ARG A 71 1.96 -5.36 20.21
CA ARG A 71 2.65 -6.62 20.42
C ARG A 71 1.64 -7.73 20.69
N GLY A 72 2.09 -8.97 20.51
CA GLY A 72 1.17 -10.09 20.55
C GLY A 72 0.50 -10.30 21.89
N ASP A 73 1.24 -10.13 22.99
CA ASP A 73 0.67 -10.37 24.31
C ASP A 73 -0.41 -9.35 24.68
N GLU A 74 -0.26 -8.08 24.27
CA GLU A 74 -1.23 -7.06 24.69
C GLU A 74 -2.60 -7.24 24.04
N VAL A 75 -2.75 -8.11 23.04
CA VAL A 75 -4.03 -8.22 22.36
C VAL A 75 -5.12 -8.62 23.36
N ARG A 76 -4.77 -9.42 24.36
CA ARG A 76 -5.74 -9.75 25.40
C ARG A 76 -6.32 -8.50 26.03
N GLN A 77 -5.53 -7.42 26.11
CA GLN A 77 -6.01 -6.19 26.73
C GLN A 77 -7.17 -5.60 25.94
N ILE A 78 -7.16 -5.74 24.62
CA ILE A 78 -8.18 -5.11 23.78
C ILE A 78 -9.57 -5.61 24.16
N ALA A 79 -9.66 -6.76 24.83
CA ALA A 79 -10.95 -7.16 25.37
C ALA A 79 -11.44 -6.11 26.36
N PRO A 80 -12.73 -5.77 26.34
CA PRO A 80 -13.22 -4.67 27.19
C PRO A 80 -13.08 -4.98 28.67
N GLY A 81 -12.76 -3.95 29.45
CA GLY A 81 -12.70 -4.06 30.89
C GLY A 81 -11.41 -4.62 31.43
N GLN A 82 -10.44 -4.94 30.59
CA GLN A 82 -9.15 -5.43 31.04
C GLN A 82 -8.21 -4.25 31.23
N THR A 83 -7.59 -4.17 32.41
CA THR A 83 -6.80 -3.02 32.81
C THR A 83 -5.32 -3.33 32.64
N GLY A 84 -4.63 -2.46 31.92
CA GLY A 84 -3.20 -2.60 31.72
C GLY A 84 -2.64 -1.33 31.15
N LYS A 85 -1.31 -1.35 30.97
CA LYS A 85 -0.61 -0.14 30.52
C LYS A 85 -1.07 0.28 29.14
N ILE A 86 -1.16 -0.69 28.22
CA ILE A 86 -1.65 -0.43 26.87
C ILE A 86 -3.13 -0.03 26.88
N ALA A 87 -3.93 -0.68 27.73
CA ALA A 87 -5.34 -0.31 27.75
C ALA A 87 -5.44 1.07 28.38
N ASP A 88 -5.17 1.16 29.68
CA ASP A 88 -5.33 2.40 30.42
C ASP A 88 -4.75 3.62 29.69
N TYR A 89 -3.49 3.53 29.26
CA TYR A 89 -2.81 4.72 28.75
C TYR A 89 -2.84 4.89 27.22
N ASN A 90 -3.23 3.89 26.45
CA ASN A 90 -3.16 4.04 25.00
C ASN A 90 -4.54 3.98 24.35
N TYR A 91 -5.27 2.88 24.52
CA TYR A 91 -6.57 2.67 23.89
C TYR A 91 -7.43 1.84 24.82
N LYS A 92 -8.52 2.43 25.32
CA LYS A 92 -9.42 1.73 26.22
C LYS A 92 -10.81 1.78 25.65
N LEU A 93 -11.43 0.63 25.55
CA LEU A 93 -12.73 0.36 24.94
C LEU A 93 -13.82 0.58 25.94
N PRO A 94 -14.90 1.25 25.55
CA PRO A 94 -15.98 1.53 26.51
C PRO A 94 -16.48 0.25 27.14
N ASP A 95 -16.97 0.36 28.37
CA ASP A 95 -17.48 -0.79 29.08
C ASP A 95 -18.72 -1.32 28.36
N ASP A 96 -18.67 -2.59 28.00
CA ASP A 96 -19.78 -3.27 27.32
C ASP A 96 -20.16 -2.56 26.01
N PHE A 97 -19.17 -2.34 25.15
CA PHE A 97 -19.48 -1.91 23.80
C PHE A 97 -20.05 -3.08 23.01
N THR A 98 -20.54 -2.79 21.79
CA THR A 98 -21.06 -3.87 20.91
C THR A 98 -20.21 -3.90 19.65
N GLY A 99 -19.14 -4.70 19.62
CA GLY A 99 -18.26 -4.64 18.45
C GLY A 99 -17.55 -5.94 18.21
N CYS A 100 -16.67 -5.99 17.22
CA CYS A 100 -15.88 -7.20 16.99
C CYS A 100 -14.43 -6.80 16.88
N VAL A 101 -13.54 -7.50 17.55
CA VAL A 101 -12.08 -7.21 17.43
C VAL A 101 -11.52 -8.27 16.52
N ILE A 102 -10.73 -7.91 15.54
CA ILE A 102 -10.10 -8.86 14.60
C ILE A 102 -8.61 -8.62 14.73
N ALA A 103 -7.81 -9.67 14.79
CA ALA A 103 -6.34 -9.50 14.86
C ALA A 103 -5.66 -10.49 13.95
N TRP A 104 -4.45 -10.20 13.55
CA TRP A 104 -3.71 -11.21 12.76
C TRP A 104 -2.23 -10.95 12.95
N ASN A 105 -1.43 -12.01 12.87
CA ASN A 105 0.02 -11.83 13.00
C ASN A 105 0.57 -11.23 11.71
N SER A 106 1.27 -10.10 11.85
CA SER A 106 1.80 -9.37 10.70
C SER A 106 3.32 -9.43 10.64
N ASN A 107 3.94 -10.39 11.34
CA ASN A 107 5.39 -10.48 11.35
C ASN A 107 5.96 -10.73 9.96
N ASN A 108 5.12 -11.15 9.01
CA ASN A 108 5.56 -11.26 7.64
C ASN A 108 5.91 -9.90 7.05
N LEU A 109 5.24 -8.84 7.51
CA LEU A 109 5.34 -7.52 6.89
C LEU A 109 6.00 -6.49 7.79
N ASP A 110 5.48 -6.29 9.00
CA ASP A 110 5.93 -5.15 9.80
C ASP A 110 7.32 -5.35 10.36
N SER A 111 7.74 -6.59 10.60
CA SER A 111 9.04 -6.83 11.21
C SER A 111 10.15 -6.62 10.19
N LYS A 112 11.23 -5.97 10.63
CA LYS A 112 12.33 -5.58 9.76
C LYS A 112 13.65 -6.00 10.40
N VAL A 113 14.54 -6.58 9.59
CA VAL A 113 15.85 -7.00 10.09
C VAL A 113 16.60 -5.78 10.59
N GLY A 114 17.14 -5.89 11.81
CA GLY A 114 17.65 -4.72 12.48
C GLY A 114 16.60 -3.91 13.21
N GLY A 115 15.36 -4.39 13.25
CA GLY A 115 14.31 -3.71 13.98
C GLY A 115 13.61 -2.63 13.18
N ASN A 116 12.28 -2.58 13.29
CA ASN A 116 11.50 -1.45 12.82
C ASN A 116 10.96 -0.69 14.03
N TYR A 117 11.21 0.62 14.06
CA TYR A 117 10.88 1.44 15.22
C TYR A 117 9.82 2.49 14.94
N ASN A 118 9.21 2.48 13.75
CA ASN A 118 8.21 3.49 13.41
C ASN A 118 7.00 3.46 14.33
N TYR A 119 6.80 2.37 15.07
CA TYR A 119 5.60 2.20 15.89
C TYR A 119 5.91 2.61 17.33
N LEU A 120 5.05 3.46 17.88
CA LEU A 120 5.23 4.05 19.19
C LEU A 120 4.02 3.74 20.07
N TYR A 121 4.26 3.68 21.38
CA TYR A 121 3.19 3.65 22.36
C TYR A 121 3.57 4.56 23.50
N ARG A 122 2.55 5.05 24.21
CA ARG A 122 2.76 6.03 25.26
C ARG A 122 3.27 5.35 26.52
N LEU A 123 4.43 5.79 27.02
CA LEU A 123 5.06 5.19 28.18
C LEU A 123 4.59 5.84 29.47
N PHE A 124 4.38 7.15 29.48
CA PHE A 124 3.94 7.85 30.67
C PHE A 124 2.73 8.71 30.38
N ARG A 125 1.78 8.69 31.31
CA ARG A 125 0.61 9.55 31.32
C ARG A 125 0.21 9.81 32.77
N LYS A 126 -0.42 10.96 32.98
CA LYS A 126 -0.82 11.34 34.34
C LYS A 126 -2.03 10.56 34.83
N SER A 127 -2.98 10.26 33.94
CA SER A 127 -4.23 9.62 34.36
C SER A 127 -4.78 8.76 33.24
N ASN A 128 -5.60 7.79 33.61
CA ASN A 128 -6.15 6.84 32.66
C ASN A 128 -7.01 7.54 31.62
N LEU A 129 -7.10 6.93 30.45
CA LEU A 129 -7.87 7.48 29.34
C LEU A 129 -9.37 7.21 29.46
N LYS A 130 -10.16 8.16 28.98
CA LYS A 130 -11.58 7.99 28.81
C LYS A 130 -11.85 7.22 27.52
N PRO A 131 -13.03 6.60 27.39
CA PRO A 131 -13.29 5.75 26.22
C PRO A 131 -13.07 6.48 24.90
N PHE A 132 -12.40 5.79 23.97
CA PHE A 132 -12.33 6.22 22.58
C PHE A 132 -11.75 7.63 22.40
N GLU A 133 -10.72 7.96 23.16
CA GLU A 133 -9.95 9.17 22.86
C GLU A 133 -8.47 8.81 22.70
N ARG A 134 -7.75 9.71 22.05
CA ARG A 134 -6.34 9.54 21.79
C ARG A 134 -5.59 10.78 22.25
N ASP A 135 -4.36 10.58 22.71
CA ASP A 135 -3.57 11.67 23.27
C ASP A 135 -2.26 11.79 22.51
N ILE A 136 -1.84 13.03 22.29
CA ILE A 136 -0.65 13.30 21.49
C ILE A 136 0.22 14.33 22.20
N TYR A 157 10.05 11.34 32.34
CA TYR A 157 10.71 10.84 31.15
C TYR A 157 9.96 11.26 29.88
N PHE A 158 10.59 11.06 28.73
CA PHE A 158 9.89 11.23 27.47
C PHE A 158 8.82 10.14 27.33
N PRO A 159 7.59 10.49 26.99
CA PRO A 159 6.46 9.59 27.22
C PRO A 159 6.17 8.58 26.11
N LEU A 160 6.92 8.55 25.01
CA LEU A 160 6.64 7.60 23.93
C LEU A 160 7.79 6.60 23.82
N GLN A 161 7.45 5.32 23.91
CA GLN A 161 8.42 4.24 23.74
C GLN A 161 8.23 3.57 22.39
N SER A 162 9.33 3.38 21.67
CA SER A 162 9.32 2.60 20.45
C SER A 162 9.31 1.11 20.74
N TYR A 163 8.55 0.37 19.95
CA TYR A 163 8.67 -1.09 19.92
C TYR A 163 9.88 -1.53 19.10
N GLY A 164 10.64 -2.47 19.65
CA GLY A 164 11.74 -3.09 18.92
C GLY A 164 11.35 -4.35 18.16
N PHE A 165 10.66 -4.19 17.03
CA PHE A 165 10.20 -5.33 16.23
C PHE A 165 11.32 -5.87 15.37
N GLN A 166 11.92 -6.98 15.80
CA GLN A 166 12.94 -7.76 15.09
C GLN A 166 12.31 -9.02 14.52
N PRO A 167 12.70 -9.45 13.32
CA PRO A 167 11.99 -10.56 12.67
C PRO A 167 12.00 -11.87 13.46
N THR A 168 12.95 -12.06 14.37
CA THR A 168 13.03 -13.27 15.17
C THR A 168 12.60 -13.07 16.61
N ASN A 169 11.69 -12.13 16.85
CA ASN A 169 11.19 -11.91 18.21
C ASN A 169 10.24 -13.03 18.62
N GLY A 170 9.96 -13.10 19.91
CA GLY A 170 9.02 -14.06 20.42
C GLY A 170 7.61 -13.76 19.98
N VAL A 171 6.74 -14.77 20.10
CA VAL A 171 5.37 -14.65 19.61
C VAL A 171 4.68 -13.47 20.28
N GLY A 172 4.85 -13.33 21.60
CA GLY A 172 4.28 -12.17 22.27
C GLY A 172 4.84 -10.87 21.74
N TYR A 173 6.14 -10.83 21.45
CA TYR A 173 6.74 -9.62 20.93
C TYR A 173 6.42 -9.38 19.46
N GLN A 174 6.01 -10.40 18.72
CA GLN A 174 5.69 -10.19 17.31
C GLN A 174 4.53 -9.21 17.16
N PRO A 175 4.55 -8.36 16.14
CA PRO A 175 3.48 -7.38 15.96
C PRO A 175 2.21 -8.01 15.42
N TYR A 176 1.09 -7.66 16.03
CA TYR A 176 -0.22 -8.12 15.58
C TYR A 176 -1.00 -6.91 15.08
N ARG A 177 -1.45 -6.97 13.84
CA ARG A 177 -2.26 -5.90 13.27
C ARG A 177 -3.69 -6.10 13.74
N VAL A 178 -4.25 -5.12 14.43
CA VAL A 178 -5.55 -5.23 15.06
C VAL A 178 -6.51 -4.22 14.45
N VAL A 179 -7.66 -4.69 14.00
CA VAL A 179 -8.74 -3.82 13.52
C VAL A 179 -9.92 -4.03 14.44
N VAL A 180 -10.42 -2.95 15.03
CA VAL A 180 -11.60 -3.00 15.89
C VAL A 180 -12.76 -2.38 15.13
N LEU A 181 -13.77 -3.19 14.84
CA LEU A 181 -14.98 -2.71 14.17
C LEU A 181 -16.00 -2.36 15.24
N SER A 182 -16.32 -1.08 15.38
CA SER A 182 -17.25 -0.64 16.40
C SER A 182 -18.49 -0.13 15.68
N PHE A 183 -19.64 -0.68 16.03
CA PHE A 183 -20.89 -0.36 15.39
C PHE A 183 -22.04 -0.36 16.39
N GLU A 184 -22.96 0.59 16.19
CA GLU A 184 -24.13 0.76 17.06
C GLU A 184 -25.33 0.04 16.46
N LEU A 185 -26.02 -0.74 17.29
CA LEU A 185 -27.09 -1.61 16.82
C LEU A 185 -28.46 -0.96 16.87
N LEU A 186 -28.60 0.19 17.53
CA LEU A 186 -29.91 0.80 17.67
C LEU A 186 -30.44 1.26 16.32
N HIS A 187 -31.77 1.17 16.17
CA HIS A 187 -32.42 1.35 14.87
C HIS A 187 -32.69 2.82 14.55
N ALA A 188 -31.60 3.58 14.44
CA ALA A 188 -31.63 4.91 13.86
C ALA A 188 -31.49 4.70 12.36
N PRO A 189 -31.49 5.74 11.52
CA PRO A 189 -31.29 5.50 10.09
C PRO A 189 -30.00 4.71 9.85
N ALA A 190 -30.13 3.62 9.11
CA ALA A 190 -29.03 2.69 8.90
C ALA A 190 -28.54 2.81 7.46
N THR A 191 -27.27 3.19 7.32
CA THR A 191 -26.67 3.38 6.00
C THR A 191 -25.73 2.26 5.60
N VAL A 192 -25.29 1.43 6.55
CA VAL A 192 -24.47 0.27 6.27
C VAL A 192 -25.33 -0.96 6.53
N CYS A 193 -25.54 -1.77 5.51
CA CYS A 193 -26.38 -2.95 5.59
C CYS A 193 -25.65 -4.13 5.00
N GLY A 194 -26.04 -5.33 5.40
CA GLY A 194 -25.55 -6.53 4.76
C GLY A 194 -26.54 -7.02 3.73
N PRO A 195 -26.16 -8.01 2.93
CA PRO A 195 -27.11 -8.71 2.07
C PRO A 195 -28.25 -9.35 2.89
N GLU B 1 27.18 1.89 -5.88
CA GLU B 1 25.95 2.65 -5.75
C GLU B 1 24.74 1.77 -6.03
N VAL B 2 23.61 2.13 -5.42
CA VAL B 2 22.36 1.41 -5.67
C VAL B 2 21.96 1.54 -7.14
N GLN B 3 21.76 0.41 -7.79
CA GLN B 3 21.20 0.37 -9.13
C GLN B 3 20.73 -1.04 -9.41
N LEU B 4 19.66 -1.14 -10.21
CA LEU B 4 19.12 -2.41 -10.65
C LEU B 4 19.39 -2.58 -12.14
N GLN B 5 19.78 -3.79 -12.55
CA GLN B 5 20.14 -4.04 -13.94
C GLN B 5 19.43 -5.28 -14.43
N GLN B 6 18.75 -5.15 -15.57
CA GLN B 6 17.92 -6.23 -16.11
C GLN B 6 18.78 -7.30 -16.74
N SER B 7 18.27 -8.54 -16.72
CA SER B 7 19.02 -9.68 -17.25
C SER B 7 19.39 -9.49 -18.72
N GLY B 8 18.49 -8.91 -19.49
CA GLY B 8 18.75 -8.65 -20.89
C GLY B 8 17.46 -8.81 -21.68
N ALA B 9 17.59 -9.30 -22.92
CA ALA B 9 16.44 -9.51 -23.78
C ALA B 9 16.35 -10.97 -24.20
N GLU B 10 15.12 -11.47 -24.23
CA GLU B 10 14.79 -12.87 -24.52
C GLU B 10 13.79 -12.95 -25.66
N LEU B 11 13.96 -13.98 -26.51
CA LEU B 11 13.05 -14.26 -27.61
C LEU B 11 12.63 -15.72 -27.55
N VAL B 12 11.33 -15.97 -27.60
CA VAL B 12 10.77 -17.31 -27.48
C VAL B 12 9.49 -17.41 -28.31
N LYS B 13 9.17 -18.62 -28.74
CA LYS B 13 7.88 -18.96 -29.35
C LYS B 13 6.80 -19.07 -28.28
N PRO B 14 5.53 -18.93 -28.66
CA PRO B 14 4.45 -18.99 -27.64
C PRO B 14 4.45 -20.31 -26.90
N GLY B 15 3.97 -20.27 -25.68
CA GLY B 15 3.96 -21.44 -24.82
C GLY B 15 5.28 -21.64 -24.12
N ALA B 16 6.37 -21.22 -24.75
CA ALA B 16 7.69 -21.30 -24.15
C ALA B 16 7.82 -20.24 -23.08
N SER B 17 7.74 -20.67 -21.81
CA SER B 17 7.82 -19.76 -20.68
C SER B 17 9.17 -19.03 -20.68
N VAL B 18 9.18 -17.86 -20.03
CA VAL B 18 10.40 -17.14 -19.73
C VAL B 18 10.49 -16.96 -18.23
N LYS B 19 11.66 -17.22 -17.67
CA LYS B 19 12.00 -16.84 -16.30
C LYS B 19 13.09 -15.79 -16.36
N MET B 20 12.79 -14.58 -15.88
CA MET B 20 13.64 -13.41 -16.06
C MET B 20 14.02 -12.80 -14.71
N SER B 21 15.12 -12.03 -14.72
CA SER B 21 15.74 -11.55 -13.50
C SER B 21 16.32 -10.14 -13.61
N CYS B 22 16.20 -9.38 -12.52
CA CYS B 22 16.80 -8.06 -12.38
C CYS B 22 17.90 -8.13 -11.32
N LYS B 23 19.10 -7.66 -11.67
CA LYS B 23 20.27 -7.80 -10.81
C LYS B 23 20.36 -6.62 -9.85
N ALA B 24 20.19 -6.89 -8.56
CA ALA B 24 20.27 -5.88 -7.52
C ALA B 24 21.72 -5.62 -7.11
N SER B 25 22.01 -4.37 -6.75
CA SER B 25 23.35 -4.02 -6.28
C SER B 25 23.31 -2.67 -5.57
N GLY B 26 24.25 -2.49 -4.63
CA GLY B 26 24.52 -1.19 -4.05
C GLY B 26 23.72 -0.79 -2.82
N TYR B 27 22.97 -1.71 -2.21
CA TYR B 27 22.26 -1.36 -0.99
C TYR B 27 21.91 -2.63 -0.22
N THR B 28 21.54 -2.47 1.03
CA THR B 28 21.12 -3.60 1.85
C THR B 28 19.85 -4.20 1.27
N PHE B 29 19.94 -5.44 0.77
CA PHE B 29 18.84 -6.01 0.01
C PHE B 29 17.58 -6.20 0.83
N THR B 30 17.72 -6.64 2.09
CA THR B 30 16.55 -6.92 2.91
C THR B 30 15.79 -5.64 3.26
N SER B 31 16.50 -4.53 3.41
CA SER B 31 15.88 -3.29 3.89
C SER B 31 14.77 -2.79 2.97
N TYR B 32 14.97 -2.84 1.66
CA TYR B 32 14.02 -2.27 0.72
C TYR B 32 13.38 -3.36 -0.13
N TRP B 33 12.05 -3.34 -0.20
CA TRP B 33 11.32 -4.33 -0.98
C TRP B 33 11.70 -4.25 -2.45
N ILE B 34 11.34 -5.29 -3.19
CA ILE B 34 11.48 -5.32 -4.64
C ILE B 34 10.10 -5.42 -5.25
N THR B 35 9.84 -4.65 -6.30
CA THR B 35 8.53 -4.54 -6.92
C THR B 35 8.68 -4.60 -8.43
N TRP B 36 7.77 -5.33 -9.07
CA TRP B 36 7.79 -5.55 -10.51
C TRP B 36 6.63 -4.83 -11.18
N VAL B 37 6.92 -4.15 -12.28
CA VAL B 37 5.97 -3.32 -12.98
C VAL B 37 6.03 -3.77 -14.43
N LYS B 38 4.97 -3.47 -15.19
CA LYS B 38 4.90 -3.95 -16.55
C LYS B 38 4.25 -2.89 -17.43
N GLN B 39 4.67 -2.88 -18.69
CA GLN B 39 4.12 -1.97 -19.69
C GLN B 39 4.22 -2.66 -21.04
N ARG B 40 3.57 -2.08 -22.03
CA ARG B 40 3.54 -2.63 -23.37
C ARG B 40 3.60 -1.47 -24.35
N PRO B 41 4.15 -1.70 -25.55
CA PRO B 41 4.15 -0.64 -26.57
C PRO B 41 2.78 0.01 -26.75
N GLY B 42 2.70 1.31 -26.47
CA GLY B 42 1.49 2.06 -26.71
C GLY B 42 0.59 2.29 -25.51
N GLN B 43 1.00 1.90 -24.30
CA GLN B 43 0.22 2.24 -23.11
C GLN B 43 1.13 2.32 -21.90
N GLY B 44 0.59 2.89 -20.83
CA GLY B 44 1.35 3.18 -19.64
C GLY B 44 1.61 1.98 -18.74
N LEU B 45 2.23 2.28 -17.61
CA LEU B 45 2.74 1.26 -16.71
C LEU B 45 1.59 0.55 -16.00
N GLU B 46 1.83 -0.72 -15.64
CA GLU B 46 0.89 -1.48 -14.83
C GLU B 46 1.67 -2.34 -13.85
N TRP B 47 1.20 -2.39 -12.61
CA TRP B 47 1.84 -3.16 -11.56
C TRP B 47 1.57 -4.67 -11.70
N ILE B 48 2.58 -5.49 -11.45
CA ILE B 48 2.41 -6.94 -11.42
C ILE B 48 2.30 -7.47 -10.00
N GLY B 49 3.30 -7.21 -9.17
CA GLY B 49 3.29 -7.77 -7.82
C GLY B 49 4.54 -7.40 -7.06
N ASP B 50 4.54 -7.75 -5.78
CA ASP B 50 5.62 -7.39 -4.87
C ASP B 50 6.12 -8.62 -4.13
N ILE B 51 7.38 -8.58 -3.68
CA ILE B 51 7.93 -9.61 -2.82
C ILE B 51 8.82 -8.98 -1.76
N TYR B 52 8.78 -9.50 -0.54
CA TYR B 52 9.65 -8.99 0.52
C TYR B 52 10.90 -9.85 0.61
N PRO B 53 12.08 -9.31 0.35
CA PRO B 53 13.29 -10.14 0.39
C PRO B 53 13.56 -10.77 1.74
N GLY B 54 13.23 -10.10 2.84
CA GLY B 54 13.61 -10.61 4.15
C GLY B 54 12.72 -11.70 4.71
N SER B 55 11.55 -11.94 4.13
CA SER B 55 10.67 -12.98 4.65
C SER B 55 9.97 -13.75 3.54
N GLY B 56 10.18 -13.34 2.29
CA GLY B 56 9.63 -14.08 1.17
C GLY B 56 8.13 -13.95 0.97
N SER B 57 7.48 -13.03 1.66
CA SER B 57 6.07 -12.77 1.38
C SER B 57 5.92 -12.20 -0.02
N THR B 58 4.76 -12.46 -0.64
CA THR B 58 4.51 -11.92 -1.96
C THR B 58 3.09 -11.36 -2.03
N LYS B 59 2.91 -10.46 -3.00
CA LYS B 59 1.62 -9.87 -3.32
C LYS B 59 1.48 -9.88 -4.83
N TYR B 60 0.25 -9.89 -5.33
CA TYR B 60 0.04 -9.98 -6.77
C TYR B 60 -1.09 -9.06 -7.21
N ASN B 61 -1.01 -8.63 -8.46
CA ASN B 61 -2.18 -8.07 -9.12
C ASN B 61 -3.10 -9.22 -9.52
N GLU B 62 -4.39 -9.06 -9.27
CA GLU B 62 -5.33 -10.17 -9.45
C GLU B 62 -5.34 -10.69 -10.88
N LYS B 63 -5.11 -9.81 -11.87
CA LYS B 63 -5.09 -10.26 -13.25
C LYS B 63 -3.95 -11.22 -13.54
N PHE B 64 -2.93 -11.28 -12.69
CA PHE B 64 -1.76 -12.13 -12.94
C PHE B 64 -1.44 -13.00 -11.73
N ARG B 65 -2.45 -13.40 -10.97
CA ARG B 65 -2.21 -14.32 -9.86
C ARG B 65 -1.66 -15.65 -10.34
N SER B 66 -1.98 -16.04 -11.58
CA SER B 66 -1.62 -17.35 -12.10
C SER B 66 -0.37 -17.33 -12.97
N GLU B 67 -0.23 -16.34 -13.86
CA GLU B 67 0.85 -16.36 -14.81
C GLU B 67 2.20 -16.09 -14.16
N ALA B 68 2.23 -15.31 -13.09
CA ALA B 68 3.47 -14.85 -12.47
C ALA B 68 3.66 -15.47 -11.10
N THR B 69 4.91 -15.79 -10.77
CA THR B 69 5.27 -16.27 -9.44
C THR B 69 6.64 -15.71 -9.08
N LEU B 70 6.76 -15.14 -7.88
CA LEU B 70 7.90 -14.31 -7.51
C LEU B 70 8.74 -15.00 -6.45
N THR B 71 10.06 -14.94 -6.62
CA THR B 71 10.99 -15.58 -5.70
C THR B 71 12.28 -14.78 -5.64
N VAL B 72 13.06 -15.03 -4.59
CA VAL B 72 14.26 -14.26 -4.25
C VAL B 72 15.33 -15.20 -3.74
N ASP B 73 16.58 -14.91 -4.10
CA ASP B 73 17.76 -15.54 -3.50
C ASP B 73 18.44 -14.46 -2.66
N THR B 74 18.02 -14.36 -1.39
CA THR B 74 18.49 -13.31 -0.51
C THR B 74 19.97 -13.42 -0.17
N SER B 75 20.59 -14.57 -0.45
CA SER B 75 22.03 -14.69 -0.23
C SER B 75 22.80 -13.87 -1.27
N SER B 76 22.58 -14.15 -2.55
CA SER B 76 23.22 -13.39 -3.62
C SER B 76 22.49 -12.09 -3.92
N THR B 77 21.36 -11.82 -3.27
CA THR B 77 20.60 -10.58 -3.40
C THR B 77 20.13 -10.35 -4.84
N THR B 78 19.33 -11.30 -5.33
CA THR B 78 18.72 -11.18 -6.65
C THR B 78 17.32 -11.78 -6.63
N ALA B 79 16.37 -11.06 -7.23
CA ALA B 79 14.97 -11.47 -7.24
C ALA B 79 14.61 -11.93 -8.64
N TYR B 80 13.59 -12.79 -8.73
CA TYR B 80 13.23 -13.44 -9.98
C TYR B 80 11.72 -13.37 -10.17
N MET B 81 11.26 -13.13 -11.40
CA MET B 81 9.85 -13.31 -11.73
C MET B 81 9.73 -14.39 -12.80
N GLN B 82 8.94 -15.42 -12.52
CA GLN B 82 8.66 -16.50 -13.45
C GLN B 82 7.30 -16.30 -14.10
N LEU B 83 7.26 -16.38 -15.43
CA LEU B 83 6.00 -16.39 -16.18
C LEU B 83 5.76 -17.78 -16.77
N SER B 84 4.56 -18.32 -16.54
CA SER B 84 4.26 -19.70 -16.93
C SER B 84 4.04 -19.86 -18.43
N SER B 85 3.29 -18.95 -19.05
CA SER B 85 2.99 -19.07 -20.48
C SER B 85 2.79 -17.69 -21.07
N LEU B 86 2.88 -17.63 -22.40
CA LEU B 86 2.95 -16.37 -23.11
C LEU B 86 1.95 -16.34 -24.26
N THR B 87 1.33 -15.17 -24.46
CA THR B 87 0.49 -14.90 -25.60
C THR B 87 1.11 -13.79 -26.44
N SER B 88 0.67 -13.67 -27.69
CA SER B 88 1.20 -12.61 -28.54
C SER B 88 0.75 -11.21 -28.09
N GLU B 89 -0.24 -11.12 -27.20
CA GLU B 89 -0.56 -9.85 -26.56
C GLU B 89 0.45 -9.52 -25.46
N ASP B 90 1.07 -10.54 -24.87
CA ASP B 90 2.00 -10.39 -23.76
C ASP B 90 3.32 -9.77 -24.21
N SER B 91 3.53 -9.58 -25.51
CA SER B 91 4.73 -8.88 -25.99
C SER B 91 4.81 -7.52 -25.32
N ALA B 92 5.78 -7.33 -24.43
CA ALA B 92 5.73 -6.21 -23.51
C ALA B 92 7.13 -5.87 -23.03
N VAL B 93 7.25 -4.68 -22.45
CA VAL B 93 8.49 -4.20 -21.84
C VAL B 93 8.31 -4.20 -20.33
N TYR B 94 9.23 -4.83 -19.63
CA TYR B 94 9.11 -5.05 -18.19
C TYR B 94 10.23 -4.30 -17.47
N TYR B 95 9.87 -3.69 -16.34
CA TYR B 95 10.80 -2.98 -15.49
C TYR B 95 10.83 -3.58 -14.10
N CYS B 96 12.02 -3.83 -13.58
CA CYS B 96 12.17 -4.22 -12.18
C CYS B 96 12.41 -2.95 -11.38
N ALA B 97 11.86 -2.88 -10.18
CA ALA B 97 11.96 -1.65 -9.42
C ALA B 97 12.21 -1.92 -7.95
N ARG B 98 12.78 -0.91 -7.30
CA ARG B 98 12.92 -0.87 -5.84
C ARG B 98 11.70 -0.20 -5.24
N TRP B 99 11.15 -0.79 -4.19
CA TRP B 99 10.09 -0.16 -3.41
C TRP B 99 10.56 0.01 -1.98
N ASP B 100 10.45 1.23 -1.48
CA ASP B 100 10.94 1.58 -0.15
C ASP B 100 9.78 1.55 0.84
N PHE B 101 9.42 0.34 1.27
CA PHE B 101 8.20 0.14 2.05
C PHE B 101 8.26 0.85 3.40
N TYR B 102 9.39 0.78 4.08
CA TYR B 102 9.50 1.31 5.43
C TYR B 102 9.84 2.79 5.49
N GLY B 103 10.27 3.37 4.38
CA GLY B 103 10.50 4.81 4.34
C GLY B 103 9.49 5.53 3.48
N SER B 104 9.92 5.95 2.29
CA SER B 104 9.12 6.85 1.48
C SER B 104 7.98 6.17 0.74
N ARG B 105 8.02 4.85 0.56
CA ARG B 105 7.05 4.16 -0.29
C ARG B 105 7.03 4.74 -1.70
N THR B 106 8.20 4.77 -2.33
CA THR B 106 8.36 5.24 -3.70
C THR B 106 9.11 4.19 -4.52
N PHE B 107 8.85 4.17 -5.83
CA PHE B 107 9.60 3.33 -6.75
C PHE B 107 10.75 4.13 -7.35
N ASP B 108 11.71 4.47 -6.49
CA ASP B 108 12.72 5.46 -6.82
C ASP B 108 13.93 4.91 -7.57
N TYR B 109 14.08 3.58 -7.70
CA TYR B 109 15.14 3.00 -8.51
C TYR B 109 14.59 1.88 -9.39
N TRP B 110 14.98 1.89 -10.66
CA TRP B 110 14.36 1.05 -11.68
C TRP B 110 15.43 0.33 -12.48
N GLY B 111 15.00 -0.68 -13.23
CA GLY B 111 15.86 -1.37 -14.15
C GLY B 111 15.99 -0.65 -15.47
N GLN B 112 16.78 -1.23 -16.36
CA GLN B 112 17.04 -0.64 -17.67
C GLN B 112 15.97 -0.99 -18.70
N GLY B 113 15.06 -1.89 -18.38
CA GLY B 113 13.96 -2.23 -19.27
C GLY B 113 14.10 -3.56 -20.00
N THR B 114 13.42 -4.58 -19.50
CA THR B 114 13.44 -5.89 -20.14
C THR B 114 12.44 -5.92 -21.27
N THR B 115 12.83 -6.53 -22.39
CA THR B 115 11.97 -6.70 -23.55
C THR B 115 11.62 -8.17 -23.75
N LEU B 116 10.32 -8.45 -23.92
CA LEU B 116 9.82 -9.79 -24.20
C LEU B 116 9.18 -9.78 -25.57
N THR B 117 9.83 -10.41 -26.54
CA THR B 117 9.23 -10.64 -27.84
C THR B 117 8.59 -12.02 -27.79
N VAL B 118 7.28 -12.06 -27.53
CA VAL B 118 6.51 -13.27 -27.81
C VAL B 118 6.20 -13.29 -29.29
N SER B 119 6.61 -14.36 -29.97
CA SER B 119 6.42 -14.42 -31.41
C SER B 119 6.17 -15.85 -31.84
N SER B 120 5.14 -16.05 -32.66
CA SER B 120 4.88 -17.37 -33.24
C SER B 120 5.83 -17.69 -34.38
N ALA B 121 6.45 -16.69 -34.98
CA ALA B 121 7.42 -16.92 -36.05
C ALA B 121 8.31 -15.70 -36.24
N ASP C 1 -9.93 -1.66 -4.49
CA ASP C 1 -8.99 -1.10 -5.44
C ASP C 1 -9.32 0.32 -5.88
N ILE C 2 -8.33 1.20 -5.76
CA ILE C 2 -8.45 2.60 -6.16
C ILE C 2 -8.07 2.74 -7.63
N VAL C 3 -8.93 3.36 -8.42
CA VAL C 3 -8.67 3.62 -9.84
C VAL C 3 -8.30 5.09 -9.98
N LEU C 4 -7.17 5.35 -10.64
CA LEU C 4 -6.57 6.68 -10.67
C LEU C 4 -6.72 7.29 -12.06
N THR C 5 -7.78 8.08 -12.23
CA THR C 5 -8.03 8.75 -13.54
C THR C 5 -7.12 9.96 -13.70
N GLN C 6 -6.36 10.02 -14.80
CA GLN C 6 -5.50 11.21 -15.09
C GLN C 6 -5.74 11.59 -16.54
N SER C 7 -6.05 12.85 -16.83
CA SER C 7 -6.23 13.33 -18.22
C SER C 7 -6.04 14.86 -18.24
N PRO C 8 -5.68 15.53 -19.36
CA PRO C 8 -6.02 15.13 -20.72
C PRO C 8 -4.88 14.29 -21.28
N ALA C 9 -5.20 13.23 -22.03
CA ALA C 9 -4.15 12.30 -22.50
C ALA C 9 -3.11 13.05 -23.31
N ILE C 10 -3.53 14.03 -24.13
CA ILE C 10 -2.53 14.89 -24.81
C ILE C 10 -2.73 16.31 -24.28
N LEU C 11 -1.70 16.91 -23.73
CA LEU C 11 -1.77 18.31 -23.25
C LEU C 11 -0.94 19.13 -24.24
N SER C 12 -1.46 19.38 -25.46
CA SER C 12 -0.78 20.23 -26.42
C SER C 12 -0.46 21.57 -25.79
N VAL C 13 0.79 22.01 -25.95
CA VAL C 13 1.29 23.18 -25.24
C VAL C 13 2.38 23.83 -26.09
N SER C 14 2.43 25.17 -25.95
CA SER C 14 3.52 25.95 -26.58
C SER C 14 4.57 26.18 -25.50
N PRO C 15 5.89 26.09 -25.78
CA PRO C 15 6.90 26.24 -24.74
C PRO C 15 6.83 27.61 -24.06
N GLY C 16 7.00 27.62 -22.74
CA GLY C 16 6.97 28.88 -21.99
C GLY C 16 5.68 28.95 -21.22
N GLU C 17 4.66 28.26 -21.71
CA GLU C 17 3.41 28.21 -20.98
C GLU C 17 3.58 27.44 -19.68
N ARG C 18 2.89 27.89 -18.63
CA ARG C 18 2.75 27.07 -17.44
C ARG C 18 1.80 25.92 -17.75
N VAL C 19 2.12 24.74 -17.23
CA VAL C 19 1.32 23.55 -17.48
C VAL C 19 0.83 23.03 -16.14
N SER C 20 -0.31 22.34 -16.17
CA SER C 20 -0.86 21.72 -14.98
C SER C 20 -1.42 20.35 -15.31
N PHE C 21 -1.35 19.46 -14.32
CA PHE C 21 -1.91 18.13 -14.39
C PHE C 21 -2.76 17.91 -13.15
N SER C 22 -3.46 16.79 -13.11
CA SER C 22 -4.32 16.53 -11.96
C SER C 22 -4.62 15.04 -11.89
N CYS C 23 -4.59 14.50 -10.68
CA CYS C 23 -4.92 13.11 -10.42
C CYS C 23 -6.15 13.10 -9.53
N ARG C 24 -7.18 12.35 -9.90
CA ARG C 24 -8.36 12.14 -9.07
C ARG C 24 -8.50 10.68 -8.69
N ALA C 25 -8.32 10.36 -7.41
CA ALA C 25 -8.45 9.00 -6.95
C ALA C 25 -9.91 8.62 -6.84
N SER C 26 -10.17 7.31 -6.82
CA SER C 26 -11.53 6.80 -6.67
C SER C 26 -11.89 6.51 -5.22
N GLN C 27 -11.18 7.12 -4.28
CA GLN C 27 -11.42 6.96 -2.85
C GLN C 27 -10.43 7.90 -2.16
N ASN C 28 -10.59 8.05 -0.85
CA ASN C 28 -9.64 8.83 -0.07
C ASN C 28 -8.33 8.05 0.07
N ILE C 29 -7.23 8.65 -0.40
CA ILE C 29 -5.91 8.05 -0.26
C ILE C 29 -5.16 8.58 0.94
N GLY C 30 -5.59 9.69 1.52
CA GLY C 30 -4.74 10.43 2.43
C GLY C 30 -3.84 11.35 1.64
N THR C 31 -2.54 11.11 1.67
CA THR C 31 -1.63 11.91 0.86
C THR C 31 -0.52 11.07 0.23
N ILE C 32 -0.70 9.75 0.14
CA ILE C 32 0.36 8.86 -0.34
C ILE C 32 0.20 8.76 -1.85
N ILE C 33 0.72 9.77 -2.54
CA ILE C 33 0.69 9.83 -3.99
C ILE C 33 2.08 10.21 -4.48
N HIS C 34 2.44 9.71 -5.66
CA HIS C 34 3.70 10.08 -6.28
C HIS C 34 3.44 10.35 -7.76
N TRP C 35 4.37 11.05 -8.38
CA TRP C 35 4.32 11.23 -9.83
C TRP C 35 5.62 10.75 -10.44
N TYR C 36 5.55 10.29 -11.69
CA TYR C 36 6.72 9.81 -12.42
C TYR C 36 6.69 10.38 -13.82
N GLN C 37 7.88 10.61 -14.38
CA GLN C 37 7.99 11.15 -15.73
C GLN C 37 8.72 10.15 -16.61
N GLN C 38 8.33 10.12 -17.89
CA GLN C 38 8.92 9.21 -18.87
C GLN C 38 9.28 9.99 -20.13
N ARG C 39 10.55 10.34 -20.29
CA ARG C 39 10.98 10.95 -21.53
C ARG C 39 11.03 9.89 -22.64
N THR C 40 11.26 10.35 -23.86
CA THR C 40 11.17 9.48 -25.02
C THR C 40 12.10 8.27 -24.89
N ASN C 41 11.54 7.09 -25.09
CA ASN C 41 12.22 5.80 -25.03
C ASN C 41 12.65 5.49 -23.60
N GLY C 42 12.46 6.41 -22.67
CA GLY C 42 13.09 6.29 -21.38
C GLY C 42 12.28 5.51 -20.37
N SER C 43 12.96 5.13 -19.29
CA SER C 43 12.30 4.56 -18.14
C SER C 43 11.58 5.65 -17.36
N PRO C 44 10.62 5.28 -16.53
CA PRO C 44 10.08 6.24 -15.56
C PRO C 44 11.02 6.44 -14.39
N ARG C 45 10.86 7.60 -13.75
CA ARG C 45 11.67 7.95 -12.59
C ARG C 45 10.84 8.80 -11.64
N LEU C 46 11.18 8.75 -10.36
CA LEU C 46 10.41 9.47 -9.34
C LEU C 46 10.69 10.96 -9.41
N LEU C 47 9.63 11.76 -9.30
CA LEU C 47 9.79 13.21 -9.24
C LEU C 47 9.32 13.83 -7.93
N ILE C 48 8.08 13.57 -7.53
CA ILE C 48 7.49 14.18 -6.34
C ILE C 48 7.19 13.09 -5.33
N LYS C 49 7.65 13.28 -4.10
CA LYS C 49 7.45 12.33 -3.02
C LYS C 49 6.33 12.83 -2.12
N TYR C 50 5.33 11.97 -1.89
CA TYR C 50 4.12 12.29 -1.14
C TYR C 50 3.34 13.44 -1.78
N ALA C 51 3.46 13.59 -3.09
CA ALA C 51 2.55 14.35 -3.93
C ALA C 51 2.66 15.87 -3.78
N SER C 52 3.43 16.33 -2.82
CA SER C 52 3.50 17.77 -2.64
C SER C 52 4.94 18.29 -2.62
N GLU C 53 5.85 17.56 -2.00
CA GLU C 53 7.20 18.03 -1.75
C GLU C 53 8.19 17.27 -2.63
N SER C 54 9.09 18.01 -3.27
CA SER C 54 10.04 17.42 -4.18
C SER C 54 11.00 16.49 -3.44
N VAL C 55 11.33 15.37 -4.08
CA VAL C 55 12.36 14.48 -3.55
C VAL C 55 13.71 15.19 -3.61
N SER C 56 14.58 14.86 -2.66
CA SER C 56 15.89 15.48 -2.57
C SER C 56 16.75 15.00 -3.74
N GLY C 57 16.86 15.84 -4.77
CA GLY C 57 17.64 15.51 -5.94
C GLY C 57 17.04 16.00 -7.24
N ILE C 58 15.74 16.31 -7.23
CA ILE C 58 15.05 16.78 -8.42
C ILE C 58 15.05 18.31 -8.39
N PRO C 59 15.10 19.00 -9.53
CA PRO C 59 15.08 20.46 -9.51
C PRO C 59 13.80 21.01 -8.87
N SER C 60 13.96 22.18 -8.24
CA SER C 60 12.88 22.82 -7.50
C SER C 60 11.74 23.31 -8.39
N ARG C 61 11.93 23.34 -9.71
CA ARG C 61 10.86 23.77 -10.60
C ARG C 61 9.64 22.87 -10.52
N PHE C 62 9.80 21.63 -10.08
CA PHE C 62 8.70 20.69 -9.95
C PHE C 62 8.10 20.83 -8.57
N SER C 63 6.80 21.13 -8.52
CA SER C 63 6.10 21.34 -7.26
C SER C 63 4.76 20.65 -7.31
N GLY C 64 4.41 19.98 -6.21
CA GLY C 64 3.13 19.32 -6.11
C GLY C 64 2.20 20.06 -5.18
N SER C 65 0.90 19.75 -5.25
CA SER C 65 -0.07 20.36 -4.36
C SER C 65 -1.33 19.52 -4.37
N GLY C 66 -2.20 19.81 -3.40
CA GLY C 66 -3.42 19.06 -3.19
C GLY C 66 -3.25 18.00 -2.11
N SER C 67 -4.38 17.50 -1.63
CA SER C 67 -4.36 16.51 -0.56
C SER C 67 -5.71 15.81 -0.51
N GLY C 68 -5.72 14.69 0.19
CA GLY C 68 -6.95 13.95 0.42
C GLY C 68 -7.34 13.11 -0.76
N THR C 69 -7.93 13.73 -1.77
CA THR C 69 -8.34 12.98 -2.96
C THR C 69 -7.86 13.64 -4.25
N ASP C 70 -7.83 14.98 -4.28
CA ASP C 70 -7.48 15.72 -5.49
C ASP C 70 -6.00 16.12 -5.47
N PHE C 71 -5.21 15.45 -6.30
CA PHE C 71 -3.78 15.68 -6.40
C PHE C 71 -3.46 16.29 -7.75
N THR C 72 -2.55 17.26 -7.76
CA THR C 72 -2.23 18.00 -8.97
C THR C 72 -0.74 18.28 -9.04
N LEU C 73 -0.25 18.38 -10.27
CA LEU C 73 1.15 18.70 -10.54
C LEU C 73 1.19 19.82 -11.57
N SER C 74 2.06 20.80 -11.32
CA SER C 74 2.29 21.87 -12.28
C SER C 74 3.79 22.06 -12.48
N ILE C 75 4.18 22.28 -13.73
CA ILE C 75 5.54 22.63 -14.09
C ILE C 75 5.56 24.10 -14.48
N ASN C 76 6.47 24.86 -13.89
CA ASN C 76 6.44 26.31 -14.07
C ASN C 76 6.52 26.70 -15.55
N SER C 77 7.33 25.99 -16.32
CA SER C 77 7.38 26.17 -17.76
C SER C 77 7.97 24.91 -18.38
N VAL C 78 7.45 24.57 -19.57
CA VAL C 78 7.88 23.37 -20.28
C VAL C 78 8.76 23.80 -21.45
N GLU C 79 10.00 23.34 -21.43
CA GLU C 79 10.86 23.38 -22.60
C GLU C 79 11.01 21.98 -23.14
N SER C 80 11.52 21.87 -24.37
CA SER C 80 11.65 20.55 -24.99
C SER C 80 12.56 19.61 -24.21
N GLU C 81 13.30 20.12 -23.23
CA GLU C 81 14.04 19.23 -22.33
C GLU C 81 13.10 18.45 -21.41
N ASP C 82 11.93 18.98 -21.12
CA ASP C 82 10.97 18.31 -20.25
C ASP C 82 9.89 17.55 -21.00
N ILE C 83 10.01 17.39 -22.31
CA ILE C 83 8.95 16.73 -23.07
C ILE C 83 8.87 15.27 -22.63
N ALA C 84 7.74 14.89 -22.04
CA ALA C 84 7.60 13.57 -21.45
C ALA C 84 6.14 13.33 -21.06
N ASP C 85 5.84 12.07 -20.76
CA ASP C 85 4.59 11.66 -20.14
C ASP C 85 4.72 11.61 -18.62
N TYR C 86 3.60 11.86 -17.92
CA TYR C 86 3.58 11.82 -16.47
C TYR C 86 2.45 10.93 -15.98
N TYR C 87 2.78 10.03 -15.05
CA TYR C 87 1.89 8.99 -14.54
C TYR C 87 1.62 9.17 -13.06
N CYS C 88 0.36 9.05 -12.66
CA CYS C 88 -0.01 9.09 -11.25
C CYS C 88 0.14 7.70 -10.66
N GLN C 89 0.51 7.65 -9.39
CA GLN C 89 0.62 6.37 -8.70
C GLN C 89 0.27 6.55 -7.23
N GLN C 90 -0.23 5.47 -6.63
CA GLN C 90 -0.63 5.47 -5.22
C GLN C 90 -0.02 4.27 -4.53
N SER C 91 0.27 4.42 -3.23
CA SER C 91 0.90 3.37 -2.46
C SER C 91 0.27 3.22 -1.08
N SER C 92 -0.96 3.69 -0.89
CA SER C 92 -1.58 3.62 0.43
C SER C 92 -1.99 2.20 0.78
N SER C 93 -2.65 1.51 -0.15
CA SER C 93 -3.12 0.15 0.11
C SER C 93 -3.03 -0.67 -1.17
N TRP C 94 -2.99 -1.99 -0.98
CA TRP C 94 -2.96 -2.89 -2.12
C TRP C 94 -4.34 -3.00 -2.77
N PRO C 95 -4.39 -3.26 -4.08
CA PRO C 95 -3.27 -3.32 -5.02
C PRO C 95 -2.81 -1.93 -5.44
N LEU C 96 -1.55 -1.80 -5.81
CA LEU C 96 -1.00 -0.53 -6.25
C LEU C 96 -1.42 -0.26 -7.70
N THR C 97 -1.75 1.00 -7.98
CA THR C 97 -2.39 1.34 -9.25
C THR C 97 -1.72 2.55 -9.87
N PHE C 98 -1.32 2.42 -11.13
CA PHE C 98 -0.71 3.50 -11.88
C PHE C 98 -1.79 4.18 -12.72
N GLY C 99 -1.53 5.45 -13.05
CA GLY C 99 -2.45 6.21 -13.86
C GLY C 99 -2.38 5.85 -15.33
N ALA C 100 -3.25 6.50 -16.11
CA ALA C 100 -3.25 6.29 -17.54
C ALA C 100 -2.10 7.01 -18.24
N GLY C 101 -1.67 8.14 -17.69
CA GLY C 101 -0.58 8.89 -18.28
C GLY C 101 -1.03 9.95 -19.28
N THR C 102 -0.36 11.10 -19.26
CA THR C 102 -0.71 12.24 -20.11
C THR C 102 0.48 12.58 -20.97
N LYS C 103 0.21 13.08 -22.18
CA LYS C 103 1.25 13.37 -23.16
C LYS C 103 1.38 14.87 -23.34
N LEU C 104 2.60 15.39 -23.21
CA LEU C 104 2.92 16.72 -23.69
C LEU C 104 3.28 16.68 -25.17
N GLU C 105 2.79 17.66 -25.93
CA GLU C 105 3.23 17.83 -27.31
C GLU C 105 3.08 19.29 -27.72
N LEU C 106 3.84 19.67 -28.75
CA LEU C 106 3.74 21.00 -29.36
C LEU C 106 2.32 21.27 -29.83
#